data_3VLA
#
_entry.id   3VLA
#
_cell.length_a   130.102
_cell.length_b   130.102
_cell.length_c   44.544
_cell.angle_alpha   90.00
_cell.angle_beta   90.00
_cell.angle_gamma   120.00
#
_symmetry.space_group_name_H-M   'P 62'
#
loop_
_entity.id
_entity.type
_entity.pdbx_description
1 polymer EDGP
2 non-polymer 2-acetamido-2-deoxy-beta-D-glucopyranose
3 water water
#
_entity_poly.entity_id   1
_entity_poly.type   'polypeptide(L)'
_entity_poly.pdbx_seq_one_letter_code
;(PCA)PSFRPSALVVPVKKDASTLQYVTTINQRTPLVSENLVVDLGGRFLWVDCDQNYVSSTYRPVRCRTSQCSLSGSIA
CGDCFNGPRPGCNNNTCGVFPENPVINTATGGEVAEDVVSVESTDGSSSGRVVTVPRFIFSCAPTSLLQNLASGVVGMAG
LGRTRIALPSQFASAFSFKRKFAMCLSGSTSSNSVIIFGNDPYTFLPNIIVSDKTLTYTPLLTNPVSTSATSTQGEPSVE
YFIGVKSIKINSKIVALNTSLLSISSAGLGGTKISTINPYTVLETSIYKAVTEAFIKESAARNITRVASVAPFGACFSTD
NILSTRLGPSVPSIDLVLQSESVVWTITGSNSMVYINDNVVCLGVVDGGSNLRTSIVIGGHQLEDNLVQFDLATSRVGFS
GTLLGSRTTCANFNFTS
;
_entity_poly.pdbx_strand_id   A
#
# COMPACT_ATOMS: atom_id res chain seq x y z
N PRO A 2 -27.03 -6.04 -21.21
CA PRO A 2 -25.68 -5.52 -21.54
C PRO A 2 -24.90 -5.29 -20.29
N SER A 3 -23.63 -5.58 -20.34
CA SER A 3 -22.70 -5.34 -19.27
C SER A 3 -21.73 -4.23 -19.73
N PHE A 4 -21.92 -3.02 -19.21
CA PHE A 4 -21.09 -1.91 -19.63
C PHE A 4 -19.72 -2.02 -18.97
N ARG A 5 -18.70 -1.67 -19.74
CA ARG A 5 -17.36 -1.62 -19.16
C ARG A 5 -17.31 -0.42 -18.21
N PRO A 6 -16.75 -0.59 -17.03
CA PRO A 6 -16.64 0.50 -16.08
C PRO A 6 -15.52 1.46 -16.44
N SER A 7 -15.56 2.67 -15.90
CA SER A 7 -14.43 3.60 -15.99
C SER A 7 -13.57 3.62 -14.73
N ALA A 8 -14.09 3.04 -13.64
CA ALA A 8 -13.37 2.96 -12.38
C ALA A 8 -14.07 1.89 -11.53
N LEU A 9 -13.35 1.41 -10.54
CA LEU A 9 -13.81 0.41 -9.58
C LEU A 9 -13.53 0.92 -8.17
N VAL A 10 -14.36 0.51 -7.20
CA VAL A 10 -14.10 0.82 -5.80
C VAL A 10 -14.11 -0.43 -4.98
N VAL A 11 -13.12 -0.60 -4.12
CA VAL A 11 -13.10 -1.65 -3.09
C VAL A 11 -12.93 -1.02 -1.74
N PRO A 12 -13.54 -1.61 -0.70
CA PRO A 12 -13.42 -1.07 0.65
C PRO A 12 -12.11 -1.51 1.27
N VAL A 13 -11.64 -0.72 2.24
CA VAL A 13 -10.44 -1.06 2.99
C VAL A 13 -10.72 -0.72 4.44
N LYS A 14 -10.36 -1.59 5.35
CA LYS A 14 -10.55 -1.33 6.76
C LYS A 14 -9.30 -1.75 7.51
N LYS A 15 -8.80 -0.89 8.39
CA LYS A 15 -7.65 -1.18 9.21
C LYS A 15 -8.00 -2.21 10.29
N ASP A 16 -7.13 -3.19 10.46
CA ASP A 16 -7.27 -4.18 11.51
C ASP A 16 -6.57 -3.69 12.78
N ALA A 17 -7.31 -3.66 13.88
CA ALA A 17 -6.77 -3.09 15.10
C ALA A 17 -5.57 -3.84 15.65
N SER A 18 -5.61 -5.16 15.62
CA SER A 18 -4.58 -5.98 16.24
CA SER A 18 -4.58 -5.99 16.22
C SER A 18 -3.26 -5.97 15.46
N THR A 19 -3.34 -6.05 14.16
CA THR A 19 -2.17 -6.19 13.33
C THR A 19 -1.73 -4.89 12.66
N LEU A 20 -2.62 -3.91 12.59
CA LEU A 20 -2.37 -2.64 11.88
C LEU A 20 -2.29 -2.83 10.37
N GLN A 21 -2.69 -3.98 9.86
CA GLN A 21 -2.81 -4.21 8.43
C GLN A 21 -4.08 -3.57 7.88
N TYR A 22 -4.07 -3.29 6.60
CA TYR A 22 -5.23 -2.75 5.90
C TYR A 22 -5.84 -3.87 5.10
N VAL A 23 -7.12 -4.13 5.30
CA VAL A 23 -7.79 -5.31 4.75
C VAL A 23 -8.85 -4.87 3.76
N THR A 24 -8.73 -5.33 2.51
CA THR A 24 -9.73 -5.08 1.49
C THR A 24 -10.58 -6.33 1.32
N THR A 25 -11.62 -6.19 0.50
CA THR A 25 -12.53 -7.28 0.22
C THR A 25 -12.83 -7.26 -1.29
N ILE A 26 -12.80 -8.44 -1.90
CA ILE A 26 -13.28 -8.65 -3.27
C ILE A 26 -14.17 -9.90 -3.23
N ASN A 27 -14.88 -10.15 -4.31
CA ASN A 27 -15.60 -11.43 -4.43
C ASN A 27 -14.90 -12.25 -5.52
N GLN A 28 -14.93 -13.57 -5.34
CA GLN A 28 -14.25 -14.48 -6.25
C GLN A 28 -14.96 -15.82 -6.24
N ARG A 29 -14.70 -16.64 -7.24
CA ARG A 29 -15.05 -18.04 -7.32
C ARG A 29 -16.49 -18.24 -7.80
N THR A 30 -16.83 -19.49 -8.13
CA THR A 30 -18.20 -19.88 -8.39
C THR A 30 -18.53 -21.10 -7.50
N PRO A 31 -19.44 -20.96 -6.55
CA PRO A 31 -20.23 -19.74 -6.22
C PRO A 31 -19.35 -18.66 -5.66
N LEU A 32 -19.83 -17.46 -5.82
CA LEU A 32 -19.11 -16.27 -5.42
CA LEU A 32 -19.10 -16.25 -5.39
C LEU A 32 -19.03 -16.23 -3.90
N VAL A 33 -17.82 -15.96 -3.36
CA VAL A 33 -17.58 -15.75 -1.95
C VAL A 33 -16.82 -14.43 -1.79
N SER A 34 -17.02 -13.81 -0.64
CA SER A 34 -16.32 -12.63 -0.27
CA SER A 34 -16.28 -12.61 -0.30
C SER A 34 -14.95 -13.05 0.33
N GLU A 35 -13.88 -12.42 -0.14
CA GLU A 35 -12.52 -12.68 0.32
C GLU A 35 -11.97 -11.40 0.97
N ASN A 36 -11.53 -11.53 2.23
CA ASN A 36 -10.77 -10.49 2.87
C ASN A 36 -9.30 -10.72 2.59
N LEU A 37 -8.60 -9.65 2.21
CA LEU A 37 -7.24 -9.73 1.70
C LEU A 37 -6.43 -8.58 2.27
N VAL A 38 -5.21 -8.85 2.73
CA VAL A 38 -4.36 -7.76 3.20
C VAL A 38 -3.83 -7.01 2.00
N VAL A 39 -3.99 -5.68 2.03
CA VAL A 39 -3.48 -4.82 0.96
C VAL A 39 -1.98 -4.72 1.02
N ASP A 40 -1.32 -5.06 -0.09
CA ASP A 40 0.14 -5.00 -0.19
C ASP A 40 0.46 -4.17 -1.43
N LEU A 41 0.69 -2.88 -1.21
CA LEU A 41 0.93 -1.96 -2.30
C LEU A 41 2.04 -2.46 -3.20
N GLY A 42 3.09 -3.00 -2.60
CA GLY A 42 4.25 -3.46 -3.31
C GLY A 42 4.21 -4.91 -3.77
N GLY A 43 3.10 -5.63 -3.57
CA GLY A 43 3.02 -7.05 -3.90
C GLY A 43 2.80 -7.30 -5.41
N ARG A 44 3.28 -8.45 -5.88
CA ARG A 44 3.22 -8.77 -7.31
C ARG A 44 1.82 -9.11 -7.80
N PHE A 45 0.97 -9.70 -6.95
CA PHE A 45 -0.26 -10.25 -7.48
C PHE A 45 -1.27 -10.45 -6.39
N LEU A 46 -2.50 -10.77 -6.80
CA LEU A 46 -3.47 -11.37 -5.88
C LEU A 46 -2.99 -12.77 -5.55
N TRP A 47 -2.91 -13.12 -4.28
CA TRP A 47 -2.72 -14.52 -3.91
C TRP A 47 -3.73 -14.90 -2.85
N VAL A 48 -4.17 -16.16 -2.95
CA VAL A 48 -5.25 -16.70 -2.11
C VAL A 48 -4.88 -18.11 -1.70
N ASP A 49 -5.28 -18.51 -0.51
CA ASP A 49 -5.21 -19.91 -0.07
C ASP A 49 -6.15 -20.76 -0.91
N CYS A 50 -5.60 -21.56 -1.80
CA CYS A 50 -6.37 -22.48 -2.60
C CYS A 50 -6.47 -23.89 -1.99
N ASP A 51 -5.69 -24.13 -0.93
CA ASP A 51 -5.66 -25.44 -0.34
C ASP A 51 -6.84 -25.71 0.57
N GLN A 52 -7.32 -24.68 1.26
CA GLN A 52 -8.25 -24.81 2.36
C GLN A 52 -9.50 -24.01 2.04
N ASN A 53 -10.65 -24.69 2.02
CA ASN A 53 -11.95 -24.04 1.81
C ASN A 53 -12.00 -23.22 0.54
N TYR A 54 -11.48 -23.75 -0.56
CA TYR A 54 -11.51 -23.11 -1.87
C TYR A 54 -12.25 -24.07 -2.82
N VAL A 55 -13.47 -23.68 -3.17
CA VAL A 55 -14.37 -24.46 -3.99
C VAL A 55 -14.76 -23.61 -5.17
N SER A 56 -14.51 -24.05 -6.42
CA SER A 56 -14.90 -23.22 -7.53
C SER A 56 -14.97 -24.01 -8.81
N SER A 57 -16.11 -23.93 -9.51
CA SER A 57 -16.27 -24.57 -10.79
C SER A 57 -15.74 -23.75 -11.94
N THR A 58 -15.28 -22.54 -11.69
CA THR A 58 -14.67 -21.68 -12.69
C THR A 58 -13.16 -21.54 -12.52
N TYR A 59 -12.58 -22.15 -11.50
CA TYR A 59 -11.14 -22.17 -11.34
C TYR A 59 -10.52 -22.92 -12.50
N ARG A 60 -9.44 -22.39 -13.06
CA ARG A 60 -8.68 -23.05 -14.09
C ARG A 60 -7.19 -22.95 -13.73
N PRO A 61 -6.43 -24.02 -13.79
CA PRO A 61 -4.97 -23.89 -13.65
C PRO A 61 -4.42 -23.18 -14.88
N VAL A 62 -3.38 -22.37 -14.70
CA VAL A 62 -2.67 -21.79 -15.82
C VAL A 62 -1.49 -22.73 -16.15
N ARG A 63 -1.55 -23.33 -17.33
CA ARG A 63 -0.53 -24.30 -17.72
C ARG A 63 0.80 -23.60 -18.05
N CYS A 64 1.87 -24.35 -17.91
CA CYS A 64 3.17 -23.87 -18.35
C CYS A 64 3.11 -23.58 -19.84
N ARG A 65 3.97 -22.66 -20.28
CA ARG A 65 4.15 -22.37 -21.72
C ARG A 65 2.97 -21.68 -22.36
N THR A 66 2.13 -21.02 -21.57
CA THR A 66 1.00 -20.27 -22.07
C THR A 66 1.26 -18.78 -21.97
N SER A 67 0.43 -18.01 -22.66
CA SER A 67 0.52 -16.56 -22.57
C SER A 67 0.20 -16.09 -21.13
N GLN A 68 -0.74 -16.74 -20.44
CA GLN A 68 -1.04 -16.36 -19.06
C GLN A 68 0.15 -16.62 -18.16
N CYS A 69 0.87 -17.71 -18.40
CA CYS A 69 2.05 -18.00 -17.62
C CYS A 69 3.11 -16.89 -17.86
N SER A 70 3.28 -16.47 -19.11
CA SER A 70 4.19 -15.41 -19.45
C SER A 70 3.78 -14.10 -18.74
N LEU A 71 2.49 -13.77 -18.69
CA LEU A 71 2.05 -12.59 -18.00
C LEU A 71 2.44 -12.60 -16.56
N SER A 72 2.50 -13.79 -15.96
CA SER A 72 2.86 -13.94 -14.54
CA SER A 72 2.86 -13.97 -14.55
C SER A 72 4.37 -13.98 -14.31
N GLY A 73 5.19 -13.95 -15.36
CA GLY A 73 6.63 -13.93 -15.27
C GLY A 73 7.33 -15.19 -15.71
N SER A 74 6.63 -16.23 -16.09
CA SER A 74 7.28 -17.48 -16.51
C SER A 74 8.33 -17.91 -15.48
N ILE A 75 7.99 -17.86 -14.19
CA ILE A 75 8.97 -18.09 -13.14
C ILE A 75 9.35 -19.57 -13.03
N ALA A 76 8.36 -20.44 -13.04
CA ALA A 76 8.57 -21.86 -12.79
C ALA A 76 7.47 -22.65 -13.48
N CYS A 77 7.75 -23.95 -13.64
CA CYS A 77 6.75 -24.92 -14.08
C CYS A 77 6.78 -26.05 -13.06
N GLY A 78 5.63 -26.43 -12.55
CA GLY A 78 5.53 -27.36 -11.47
C GLY A 78 4.52 -28.48 -11.70
N ASP A 79 4.68 -29.51 -10.89
CA ASP A 79 3.73 -30.61 -10.81
C ASP A 79 3.39 -30.80 -9.33
N CYS A 80 2.22 -31.35 -9.07
CA CYS A 80 1.80 -31.54 -7.67
C CYS A 80 1.50 -33.00 -7.32
N PHE A 81 2.19 -33.61 -6.35
CA PHE A 81 2.01 -35.04 -6.10
C PHE A 81 0.98 -35.29 -5.03
N ASN A 82 -0.20 -34.70 -5.24
CA ASN A 82 -1.38 -34.99 -4.49
C ASN A 82 -2.52 -34.98 -5.49
N GLY A 83 -3.70 -35.27 -5.01
CA GLY A 83 -4.87 -35.28 -5.92
C GLY A 83 -5.08 -33.91 -6.54
N PRO A 84 -5.50 -33.85 -7.85
CA PRO A 84 -5.82 -32.62 -8.56
C PRO A 84 -6.99 -31.76 -7.90
N ARG A 85 -6.88 -30.42 -7.89
CA ARG A 85 -7.90 -29.57 -7.23
C ARG A 85 -7.35 -28.11 -7.35
N PRO A 86 -8.07 -27.11 -6.84
CA PRO A 86 -7.44 -25.79 -6.76
C PRO A 86 -6.13 -25.90 -6.01
N GLY A 87 -5.08 -25.30 -6.61
CA GLY A 87 -3.75 -25.30 -6.01
C GLY A 87 -2.90 -26.51 -6.25
N CYS A 88 -3.43 -27.57 -6.88
CA CYS A 88 -2.64 -28.80 -7.08
C CYS A 88 -2.98 -29.41 -8.45
N ASN A 89 -2.08 -29.14 -9.39
CA ASN A 89 -2.27 -29.52 -10.78
C ASN A 89 -0.90 -29.81 -11.41
N ASN A 90 -0.88 -30.63 -12.45
CA ASN A 90 0.35 -30.91 -13.13
C ASN A 90 0.60 -29.93 -14.26
N ASN A 91 1.85 -29.84 -14.67
CA ASN A 91 2.25 -28.98 -15.79
C ASN A 91 1.68 -27.57 -15.64
N THR A 92 1.80 -27.02 -14.44
CA THR A 92 1.20 -25.74 -14.09
C THR A 92 2.25 -24.71 -13.81
N CYS A 93 2.01 -23.52 -14.34
CA CYS A 93 2.83 -22.35 -14.12
C CYS A 93 2.91 -22.05 -12.62
N GLY A 94 4.10 -21.68 -12.17
CA GLY A 94 4.32 -21.37 -10.78
C GLY A 94 4.94 -20.02 -10.58
N VAL A 95 4.65 -19.46 -9.40
CA VAL A 95 5.23 -18.21 -8.92
C VAL A 95 5.56 -18.40 -7.42
N PHE A 96 6.07 -17.35 -6.80
CA PHE A 96 6.37 -17.37 -5.37
C PHE A 96 5.58 -16.29 -4.66
N PRO A 97 4.32 -16.57 -4.29
CA PRO A 97 3.60 -15.61 -3.43
C PRO A 97 4.40 -15.33 -2.16
N GLU A 98 4.32 -14.09 -1.73
CA GLU A 98 5.08 -13.60 -0.60
CA GLU A 98 5.07 -13.59 -0.61
C GLU A 98 4.18 -13.00 0.46
N ASN A 99 4.53 -13.27 1.72
CA ASN A 99 3.94 -12.61 2.87
C ASN A 99 5.02 -11.69 3.43
N PRO A 100 4.93 -10.38 3.15
CA PRO A 100 5.99 -9.47 3.56
C PRO A 100 5.91 -9.12 5.04
N VAL A 101 4.83 -9.44 5.71
CA VAL A 101 4.73 -9.21 7.16
C VAL A 101 5.70 -10.13 7.91
N ILE A 102 5.88 -11.37 7.44
CA ILE A 102 6.78 -12.40 7.99
C ILE A 102 8.03 -12.58 7.13
N ASN A 103 8.15 -11.87 6.01
CA ASN A 103 9.26 -11.96 5.11
C ASN A 103 9.52 -13.38 4.63
N THR A 104 8.47 -13.99 4.10
CA THR A 104 8.52 -15.36 3.60
C THR A 104 7.88 -15.43 2.27
N ALA A 105 8.39 -16.25 1.37
CA ALA A 105 7.74 -16.63 0.16
C ALA A 105 7.76 -18.16 0.02
N THR A 106 6.86 -18.68 -0.77
CA THR A 106 6.80 -20.10 -1.03
C THR A 106 6.18 -20.32 -2.38
N GLY A 107 6.38 -21.48 -2.99
CA GLY A 107 5.81 -21.73 -4.28
C GLY A 107 4.31 -21.84 -4.28
N GLY A 108 3.69 -21.28 -5.31
CA GLY A 108 2.27 -21.38 -5.56
C GLY A 108 1.99 -21.50 -7.03
N GLU A 109 0.86 -22.15 -7.34
CA GLU A 109 0.44 -22.25 -8.72
C GLU A 109 -0.27 -21.00 -9.20
N VAL A 110 -0.10 -20.69 -10.47
CA VAL A 110 -0.89 -19.68 -11.14
C VAL A 110 -2.23 -20.29 -11.57
N ALA A 111 -3.30 -19.48 -11.49
CA ALA A 111 -4.63 -19.92 -11.79
C ALA A 111 -5.43 -18.74 -12.31
N GLU A 112 -6.61 -19.07 -12.85
CA GLU A 112 -7.63 -18.12 -13.22
C GLU A 112 -8.90 -18.43 -12.46
N ASP A 113 -9.64 -17.40 -12.07
CA ASP A 113 -11.00 -17.58 -11.59
C ASP A 113 -11.74 -16.26 -11.75
N VAL A 114 -13.06 -16.32 -11.53
CA VAL A 114 -13.90 -15.14 -11.58
CA VAL A 114 -13.87 -15.11 -11.59
C VAL A 114 -13.59 -14.22 -10.40
N VAL A 115 -13.39 -12.93 -10.67
CA VAL A 115 -13.30 -11.89 -9.66
C VAL A 115 -14.37 -10.85 -9.96
N SER A 116 -15.07 -10.41 -8.92
CA SER A 116 -16.20 -9.48 -9.03
C SER A 116 -16.03 -8.37 -8.00
N VAL A 117 -16.20 -7.12 -8.46
CA VAL A 117 -16.05 -5.93 -7.62
C VAL A 117 -17.05 -4.89 -8.11
N GLU A 118 -17.22 -3.84 -7.32
CA GLU A 118 -18.09 -2.73 -7.68
C GLU A 118 -17.41 -1.77 -8.61
N SER A 119 -18.15 -1.35 -9.65
CA SER A 119 -17.78 -0.16 -10.41
C SER A 119 -18.08 1.09 -9.58
N THR A 120 -17.54 2.22 -10.04
CA THR A 120 -17.87 3.51 -9.45
C THR A 120 -17.78 4.59 -10.50
N ASP A 121 -18.54 5.64 -10.24
CA ASP A 121 -18.46 6.92 -10.93
C ASP A 121 -17.46 7.88 -10.26
N GLY A 122 -16.80 7.42 -9.20
CA GLY A 122 -15.91 8.25 -8.41
C GLY A 122 -16.51 8.84 -7.14
N SER A 123 -17.83 8.72 -6.99
CA SER A 123 -18.54 9.29 -5.83
CA SER A 123 -18.54 9.29 -5.86
C SER A 123 -19.31 8.27 -5.02
N SER A 124 -19.76 7.18 -5.62
CA SER A 124 -20.51 6.21 -4.84
C SER A 124 -20.33 4.83 -5.42
N SER A 125 -20.71 3.82 -4.67
CA SER A 125 -20.71 2.44 -5.10
C SER A 125 -21.68 2.22 -6.25
N GLY A 126 -21.23 1.57 -7.32
CA GLY A 126 -22.05 1.26 -8.45
C GLY A 126 -22.20 -0.21 -8.71
N ARG A 127 -22.68 -0.51 -9.91
CA ARG A 127 -23.02 -1.87 -10.29
C ARG A 127 -21.79 -2.77 -10.31
N VAL A 128 -22.00 -4.02 -9.97
CA VAL A 128 -20.91 -4.99 -9.94
C VAL A 128 -20.50 -5.36 -11.37
N VAL A 129 -19.20 -5.57 -11.53
CA VAL A 129 -18.56 -5.96 -12.76
C VAL A 129 -17.62 -7.12 -12.48
N THR A 130 -17.29 -7.89 -13.52
CA THR A 130 -16.60 -9.13 -13.36
CA THR A 130 -16.50 -9.07 -13.31
C THR A 130 -15.43 -9.26 -14.36
N VAL A 131 -14.37 -9.94 -13.90
CA VAL A 131 -13.28 -10.45 -14.73
C VAL A 131 -13.39 -11.98 -14.68
N PRO A 132 -13.88 -12.63 -15.73
CA PRO A 132 -14.16 -14.06 -15.63
C PRO A 132 -12.93 -14.95 -15.46
N ARG A 133 -11.78 -14.51 -15.97
CA ARG A 133 -10.55 -15.31 -15.93
C ARG A 133 -9.44 -14.43 -15.37
N PHE A 134 -9.62 -13.96 -14.14
CA PHE A 134 -8.61 -13.13 -13.45
C PHE A 134 -7.45 -14.03 -13.03
N ILE A 135 -6.23 -13.67 -13.43
CA ILE A 135 -5.04 -14.45 -13.15
C ILE A 135 -4.54 -14.10 -11.76
N PHE A 136 -4.28 -15.12 -10.94
CA PHE A 136 -3.83 -14.94 -9.57
C PHE A 136 -2.96 -16.10 -9.17
N SER A 137 -2.36 -16.03 -7.99
CA SER A 137 -1.58 -17.11 -7.44
C SER A 137 -2.30 -17.80 -6.31
N CYS A 138 -2.24 -19.12 -6.32
CA CYS A 138 -2.58 -19.91 -5.18
C CYS A 138 -1.41 -19.87 -4.17
N ALA A 139 -1.71 -20.20 -2.93
CA ALA A 139 -0.74 -20.25 -1.88
C ALA A 139 -1.19 -21.29 -0.87
N PRO A 140 -0.28 -21.77 -0.02
CA PRO A 140 -0.67 -22.66 1.07
C PRO A 140 -1.16 -21.87 2.27
N THR A 141 -1.94 -22.54 3.12
CA THR A 141 -2.49 -21.93 4.29
C THR A 141 -1.38 -21.34 5.20
N SER A 142 -0.23 -22.01 5.29
CA SER A 142 0.83 -21.52 6.15
C SER A 142 1.31 -20.13 5.78
N LEU A 143 1.17 -19.71 4.52
CA LEU A 143 1.65 -18.40 4.09
C LEU A 143 0.82 -17.29 4.72
N LEU A 144 -0.36 -17.62 5.24
CA LEU A 144 -1.20 -16.63 5.91
C LEU A 144 -0.72 -16.22 7.30
N GLN A 145 0.33 -16.87 7.81
CA GLN A 145 0.78 -16.62 9.17
C GLN A 145 0.91 -15.13 9.43
N ASN A 146 0.40 -14.69 10.60
CA ASN A 146 0.51 -13.34 11.08
C ASN A 146 -0.29 -12.31 10.28
N LEU A 147 -1.12 -12.75 9.34
CA LEU A 147 -2.05 -11.85 8.71
C LEU A 147 -3.31 -11.75 9.57
N ALA A 148 -4.03 -10.64 9.40
CA ALA A 148 -5.24 -10.36 10.16
C ALA A 148 -6.23 -11.53 10.13
N SER A 149 -6.95 -11.63 11.24
CA SER A 149 -7.97 -12.69 11.37
C SER A 149 -8.92 -12.59 10.22
N GLY A 150 -9.27 -13.74 9.67
CA GLY A 150 -10.27 -13.82 8.66
C GLY A 150 -9.81 -13.60 7.23
N VAL A 151 -8.56 -13.25 7.01
CA VAL A 151 -8.12 -13.05 5.63
C VAL A 151 -7.76 -14.38 5.00
N VAL A 152 -7.88 -14.43 3.67
CA VAL A 152 -7.55 -15.61 2.90
C VAL A 152 -6.42 -15.35 1.88
N GLY A 153 -5.79 -14.18 1.93
CA GLY A 153 -4.74 -13.88 1.02
C GLY A 153 -4.34 -12.43 1.07
N MET A 154 -3.66 -12.01 0.00
CA MET A 154 -3.13 -10.66 -0.11
C MET A 154 -3.48 -10.10 -1.47
N ALA A 155 -3.79 -8.80 -1.48
CA ALA A 155 -4.09 -8.04 -2.69
C ALA A 155 -2.84 -7.24 -3.06
N GLY A 156 -2.05 -7.78 -3.98
CA GLY A 156 -0.87 -7.10 -4.47
C GLY A 156 -1.23 -6.03 -5.48
N LEU A 157 -0.71 -4.82 -5.24
CA LEU A 157 -1.00 -3.66 -6.08
C LEU A 157 0.26 -3.17 -6.81
N GLY A 158 1.30 -3.99 -6.88
CA GLY A 158 2.56 -3.58 -7.44
C GLY A 158 2.58 -3.53 -8.94
N ARG A 159 3.78 -3.27 -9.47
CA ARG A 159 3.98 -2.94 -10.86
C ARG A 159 4.25 -4.22 -11.68
N THR A 160 3.23 -5.00 -11.81
CA THR A 160 3.22 -6.18 -12.67
C THR A 160 1.95 -6.14 -13.51
N ARG A 161 1.90 -6.98 -14.55
CA ARG A 161 0.69 -6.99 -15.40
C ARG A 161 -0.49 -7.67 -14.77
N ILE A 162 -0.26 -8.55 -13.76
CA ILE A 162 -1.33 -9.27 -13.14
C ILE A 162 -1.74 -8.71 -11.79
N ALA A 163 -0.99 -7.79 -11.22
CA ALA A 163 -1.43 -7.11 -10.00
C ALA A 163 -2.75 -6.42 -10.27
N LEU A 164 -3.52 -6.17 -9.19
CA LEU A 164 -4.88 -5.67 -9.37
C LEU A 164 -4.94 -4.41 -10.26
N PRO A 165 -4.13 -3.38 -10.05
CA PRO A 165 -4.37 -2.17 -10.82
C PRO A 165 -4.20 -2.41 -12.33
N SER A 166 -3.15 -3.10 -12.72
CA SER A 166 -2.90 -3.33 -14.13
C SER A 166 -3.89 -4.31 -14.74
N GLN A 167 -4.21 -5.38 -13.99
CA GLN A 167 -5.09 -6.38 -14.55
C GLN A 167 -6.52 -5.85 -14.68
N PHE A 168 -7.01 -5.08 -13.71
CA PHE A 168 -8.30 -4.46 -13.85
C PHE A 168 -8.31 -3.46 -15.03
N ALA A 169 -7.24 -2.66 -15.16
CA ALA A 169 -7.20 -1.68 -16.25
C ALA A 169 -7.26 -2.37 -17.60
N SER A 170 -6.53 -3.48 -17.76
CA SER A 170 -6.54 -4.19 -19.01
C SER A 170 -7.88 -4.91 -19.23
N ALA A 171 -8.45 -5.51 -18.21
CA ALA A 171 -9.71 -6.24 -18.36
C ALA A 171 -10.85 -5.31 -18.76
N PHE A 172 -10.89 -4.10 -18.18
CA PHE A 172 -12.01 -3.21 -18.34
C PHE A 172 -11.73 -2.04 -19.25
N SER A 173 -10.52 -1.97 -19.80
CA SER A 173 -10.12 -0.90 -20.73
C SER A 173 -10.25 0.50 -20.12
N PHE A 174 -9.69 0.67 -18.94
CA PHE A 174 -9.62 1.99 -18.33
C PHE A 174 -8.15 2.35 -18.00
N LYS A 175 -7.91 3.56 -17.53
CA LYS A 175 -6.55 4.03 -17.37
C LYS A 175 -5.80 3.23 -16.32
N ARG A 176 -4.49 3.06 -16.57
CA ARG A 176 -3.62 2.29 -15.70
C ARG A 176 -3.16 3.18 -14.54
N LYS A 177 -4.09 3.46 -13.66
CA LYS A 177 -3.86 4.28 -12.49
C LYS A 177 -4.80 3.77 -11.41
N PHE A 178 -4.43 4.06 -10.17
CA PHE A 178 -5.31 3.75 -9.04
C PHE A 178 -4.99 4.71 -7.91
N ALA A 179 -5.92 4.81 -6.98
CA ALA A 179 -5.84 5.75 -5.85
C ALA A 179 -6.17 5.00 -4.59
N MET A 180 -5.37 5.25 -3.58
CA MET A 180 -5.53 4.63 -2.27
C MET A 180 -5.83 5.70 -1.26
N CYS A 181 -6.86 5.46 -0.46
CA CYS A 181 -7.24 6.38 0.61
C CYS A 181 -7.43 5.57 1.89
N LEU A 182 -6.32 5.32 2.60
CA LEU A 182 -6.35 4.52 3.81
C LEU A 182 -6.90 5.34 4.98
N SER A 183 -7.41 4.65 5.98
CA SER A 183 -7.92 5.26 7.18
C SER A 183 -7.36 4.56 8.40
N GLY A 184 -7.21 5.35 9.47
CA GLY A 184 -6.96 4.81 10.80
C GLY A 184 -8.16 4.23 11.49
N SER A 185 -9.34 4.42 10.96
CA SER A 185 -10.52 3.81 11.57
C SER A 185 -10.39 2.28 11.51
N THR A 186 -10.71 1.61 12.61
CA THR A 186 -10.82 0.16 12.61
C THR A 186 -12.26 -0.32 12.55
N SER A 187 -13.20 0.60 12.42
CA SER A 187 -14.62 0.29 12.37
C SER A 187 -15.32 0.73 11.08
N SER A 188 -14.71 1.61 10.30
CA SER A 188 -15.33 2.15 9.11
C SER A 188 -14.42 1.90 7.92
N ASN A 189 -15.04 1.69 6.77
CA ASN A 189 -14.34 1.50 5.53
C ASN A 189 -13.83 2.80 4.93
N SER A 190 -12.61 2.74 4.42
CA SER A 190 -12.15 3.66 3.41
C SER A 190 -12.08 2.92 2.07
N VAL A 191 -11.32 3.43 1.08
CA VAL A 191 -11.43 2.92 -0.28
C VAL A 191 -10.10 2.92 -1.01
N ILE A 192 -10.04 2.02 -1.99
CA ILE A 192 -9.12 2.09 -3.12
C ILE A 192 -10.01 2.22 -4.37
N ILE A 193 -9.65 3.14 -5.27
CA ILE A 193 -10.37 3.37 -6.50
C ILE A 193 -9.43 3.10 -7.66
N PHE A 194 -9.74 2.05 -8.43
CA PHE A 194 -8.98 1.69 -9.59
C PHE A 194 -9.53 2.42 -10.80
N GLY A 195 -8.67 2.95 -11.66
CA GLY A 195 -9.09 3.53 -12.91
C GLY A 195 -9.21 5.03 -12.85
N ASN A 196 -10.18 5.58 -13.58
CA ASN A 196 -10.19 7.00 -13.80
C ASN A 196 -10.48 7.77 -12.51
N ASP A 197 -9.93 8.98 -12.46
CA ASP A 197 -10.32 10.01 -11.54
C ASP A 197 -11.63 10.60 -12.09
N PRO A 198 -12.29 11.53 -11.39
CA PRO A 198 -12.03 12.12 -10.07
C PRO A 198 -12.70 11.32 -8.95
N TYR A 199 -12.46 11.79 -7.72
CA TYR A 199 -12.90 11.10 -6.50
C TYR A 199 -13.60 12.09 -5.58
N THR A 200 -14.78 11.76 -5.11
CA THR A 200 -15.51 12.61 -4.23
C THR A 200 -15.65 12.00 -2.88
N PHE A 201 -15.43 12.80 -1.86
CA PHE A 201 -15.55 12.40 -0.48
C PHE A 201 -16.61 13.31 0.18
N LEU A 202 -17.47 12.71 1.00
CA LEU A 202 -18.55 13.43 1.60
C LEU A 202 -18.00 14.53 2.49
N PRO A 203 -18.63 15.70 2.50
CA PRO A 203 -19.90 16.01 1.81
C PRO A 203 -19.86 16.24 0.30
N ASN A 204 -18.85 16.96 -0.15
CA ASN A 204 -18.69 17.34 -1.59
C ASN A 204 -17.26 17.74 -1.91
N ILE A 205 -16.30 17.03 -1.35
CA ILE A 205 -14.90 17.35 -1.54
CA ILE A 205 -14.90 17.35 -1.54
C ILE A 205 -14.39 16.55 -2.73
N ILE A 206 -13.91 17.25 -3.75
CA ILE A 206 -13.40 16.61 -4.95
C ILE A 206 -11.88 16.53 -4.83
N VAL A 207 -11.35 15.34 -5.07
CA VAL A 207 -9.91 15.13 -5.25
C VAL A 207 -9.78 14.66 -6.69
N SER A 208 -8.90 15.28 -7.45
CA SER A 208 -8.77 14.94 -8.85
C SER A 208 -7.35 15.15 -9.30
N ASP A 209 -7.10 14.84 -10.56
CA ASP A 209 -5.80 15.09 -11.13
C ASP A 209 -5.47 16.60 -11.11
N LYS A 210 -6.47 17.49 -11.05
CA LYS A 210 -6.22 18.93 -10.89
C LYS A 210 -5.65 19.26 -9.53
N THR A 211 -6.18 18.64 -8.49
CA THR A 211 -5.90 19.04 -7.14
C THR A 211 -4.62 18.37 -6.60
N LEU A 212 -4.27 17.20 -7.06
CA LEU A 212 -3.15 16.43 -6.51
C LEU A 212 -1.83 17.11 -6.86
N THR A 213 -0.84 16.92 -5.97
CA THR A 213 0.54 17.29 -6.23
C THR A 213 1.28 16.05 -6.75
N TYR A 214 2.01 16.19 -7.83
CA TYR A 214 2.67 15.08 -8.49
C TYR A 214 4.17 15.09 -8.37
N THR A 215 4.71 13.88 -8.36
CA THR A 215 6.14 13.66 -8.36
C THR A 215 6.44 12.47 -9.27
N PRO A 216 7.65 12.40 -9.88
CA PRO A 216 7.91 11.25 -10.75
C PRO A 216 7.92 9.93 -9.98
N LEU A 217 7.39 8.90 -10.64
CA LEU A 217 7.55 7.54 -10.15
C LEU A 217 8.87 7.00 -10.56
N LEU A 218 9.69 6.59 -9.62
CA LEU A 218 11.00 6.05 -9.87
C LEU A 218 10.98 4.54 -9.85
N THR A 219 11.98 3.92 -10.49
CA THR A 219 12.16 2.48 -10.56
C THR A 219 13.44 2.09 -9.89
N ASN A 220 13.40 1.14 -8.97
CA ASN A 220 14.59 0.54 -8.40
C ASN A 220 14.98 -0.66 -9.29
N PRO A 221 16.19 -0.67 -9.89
CA PRO A 221 16.55 -1.76 -10.79
C PRO A 221 16.81 -3.10 -10.14
N VAL A 222 16.80 -3.19 -8.84
CA VAL A 222 17.01 -4.47 -8.12
C VAL A 222 15.79 -4.72 -7.26
N SER A 223 15.31 -5.95 -7.32
CA SER A 223 14.11 -6.32 -6.62
C SER A 223 14.19 -6.07 -5.13
N THR A 224 13.06 -5.66 -4.57
CA THR A 224 12.90 -5.53 -3.12
C THR A 224 12.05 -6.64 -2.55
N SER A 225 11.75 -7.66 -3.37
CA SER A 225 10.93 -8.79 -2.94
C SER A 225 11.77 -9.81 -2.18
N ALA A 226 11.09 -10.70 -1.49
CA ALA A 226 11.74 -11.78 -0.77
C ALA A 226 12.37 -12.80 -1.72
N THR A 227 11.77 -12.96 -2.88
CA THR A 227 12.27 -13.87 -3.94
C THR A 227 12.38 -13.01 -5.17
N SER A 228 13.33 -13.33 -6.00
CA SER A 228 13.50 -12.64 -7.24
C SER A 228 14.51 -13.38 -8.10
N THR A 229 14.59 -12.98 -9.35
CA THR A 229 15.62 -13.52 -10.22
C THR A 229 16.64 -12.43 -10.50
N GLN A 230 17.81 -12.84 -10.99
CA GLN A 230 18.88 -11.92 -11.25
C GLN A 230 18.45 -11.01 -12.38
N GLY A 231 18.61 -9.72 -12.14
CA GLY A 231 18.30 -8.72 -13.13
C GLY A 231 16.86 -8.20 -13.07
N GLU A 232 16.02 -8.73 -12.19
CA GLU A 232 14.63 -8.33 -12.08
C GLU A 232 14.53 -7.01 -11.31
N PRO A 233 13.79 -6.03 -11.83
CA PRO A 233 13.63 -4.76 -11.10
C PRO A 233 12.62 -4.90 -9.99
N SER A 234 12.65 -3.96 -9.05
CA SER A 234 11.61 -3.90 -8.03
C SER A 234 10.26 -3.56 -8.68
N VAL A 235 9.22 -4.18 -8.13
CA VAL A 235 7.84 -3.88 -8.51
C VAL A 235 7.19 -2.79 -7.66
N GLU A 236 7.98 -2.19 -6.78
CA GLU A 236 7.48 -1.21 -5.81
C GLU A 236 7.54 0.22 -6.34
N TYR A 237 6.82 1.09 -5.59
CA TYR A 237 6.68 2.47 -5.95
C TYR A 237 7.64 3.34 -5.16
N PHE A 238 8.60 3.92 -5.87
CA PHE A 238 9.65 4.77 -5.33
C PHE A 238 9.40 6.22 -5.74
N ILE A 239 9.73 7.13 -4.83
CA ILE A 239 9.65 8.57 -5.14
C ILE A 239 10.98 9.22 -4.71
N GLY A 240 11.27 10.37 -5.27
CA GLY A 240 12.57 10.98 -5.10
C GLY A 240 12.57 12.04 -3.99
N VAL A 241 12.65 11.59 -2.73
CA VAL A 241 12.89 12.51 -1.61
C VAL A 241 14.35 12.94 -1.68
N LYS A 242 14.54 14.25 -1.74
CA LYS A 242 15.85 14.87 -1.78
C LYS A 242 16.33 15.43 -0.45
N SER A 243 15.40 15.90 0.37
CA SER A 243 15.72 16.51 1.64
CA SER A 243 15.70 16.56 1.63
C SER A 243 14.51 16.40 2.57
N ILE A 244 14.74 16.60 3.85
CA ILE A 244 13.70 16.66 4.85
C ILE A 244 13.85 17.98 5.61
N LYS A 245 12.74 18.66 5.83
CA LYS A 245 12.67 19.82 6.71
C LYS A 245 11.75 19.52 7.87
N ILE A 246 12.11 20.04 9.04
CA ILE A 246 11.23 19.97 10.23
C ILE A 246 11.09 21.38 10.74
N ASN A 247 9.85 21.84 10.90
CA ASN A 247 9.62 23.23 11.24
C ASN A 247 10.35 24.16 10.28
N SER A 248 10.34 23.83 9.01
CA SER A 248 10.87 24.61 7.90
C SER A 248 12.38 24.70 7.87
N LYS A 249 13.06 23.92 8.68
CA LYS A 249 14.53 23.92 8.74
C LYS A 249 15.05 22.61 8.21
N ILE A 250 16.07 22.66 7.38
CA ILE A 250 16.68 21.46 6.83
C ILE A 250 17.19 20.59 7.97
N VAL A 251 16.93 19.28 7.88
CA VAL A 251 17.53 18.25 8.67
C VAL A 251 18.64 17.64 7.84
N ALA A 252 19.87 17.86 8.17
CA ALA A 252 20.95 17.40 7.29
C ALA A 252 21.00 15.89 7.21
N LEU A 253 20.98 15.35 6.01
CA LEU A 253 20.95 13.90 5.78
C LEU A 253 22.10 13.48 4.91
N ASN A 254 22.43 12.18 5.00
CA ASN A 254 23.36 11.58 4.07
C ASN A 254 22.65 11.31 2.75
N THR A 255 22.88 12.17 1.78
CA THR A 255 22.14 12.13 0.52
C THR A 255 22.42 10.91 -0.31
N SER A 256 23.54 10.25 -0.11
CA SER A 256 23.73 9.04 -0.85
CA SER A 256 23.79 9.00 -0.77
C SER A 256 22.72 7.98 -0.48
N LEU A 257 22.16 8.05 0.71
CA LEU A 257 21.14 7.10 1.14
C LEU A 257 19.82 7.37 0.44
N LEU A 258 19.60 8.58 -0.01
CA LEU A 258 18.34 8.97 -0.68
C LEU A 258 18.30 8.60 -2.14
N SER A 259 19.45 8.47 -2.77
CA SER A 259 19.59 7.95 -4.11
CA SER A 259 19.53 7.98 -4.13
C SER A 259 19.48 6.44 -4.09
N ILE A 260 19.04 5.88 -5.22
CA ILE A 260 18.95 4.42 -5.43
C ILE A 260 20.20 4.06 -6.21
N SER A 261 21.05 3.26 -5.60
CA SER A 261 22.24 2.80 -6.28
C SER A 261 21.95 1.74 -7.36
N SER A 262 22.93 1.52 -8.25
CA SER A 262 22.82 0.47 -9.28
C SER A 262 22.59 -0.93 -8.71
N ALA A 263 23.04 -1.16 -7.47
CA ALA A 263 22.76 -2.40 -6.68
C ALA A 263 21.47 -2.40 -5.94
N GLY A 264 20.72 -1.34 -6.10
CA GLY A 264 19.40 -1.27 -5.60
C GLY A 264 19.25 -0.81 -4.15
N LEU A 265 20.28 -0.21 -3.56
CA LEU A 265 20.20 0.22 -2.17
C LEU A 265 19.84 1.70 -2.07
N GLY A 266 18.92 2.03 -1.17
CA GLY A 266 18.58 3.39 -0.88
C GLY A 266 17.22 3.80 -1.39
N GLY A 267 16.99 5.07 -1.39
CA GLY A 267 15.76 5.62 -1.88
C GLY A 267 14.60 5.57 -0.89
N THR A 268 13.44 5.96 -1.41
CA THR A 268 12.20 6.11 -0.68
C THR A 268 11.12 5.36 -1.41
N LYS A 269 10.44 4.43 -0.70
CA LYS A 269 9.29 3.72 -1.28
C LYS A 269 8.09 3.94 -0.36
N ILE A 270 6.91 3.56 -0.89
CA ILE A 270 5.65 3.66 -0.16
C ILE A 270 5.16 2.23 0.09
N SER A 271 4.71 1.97 1.33
CA SER A 271 4.32 0.63 1.76
C SER A 271 3.01 0.67 2.57
N THR A 272 2.19 -0.37 2.37
CA THR A 272 1.06 -0.60 3.23
C THR A 272 1.24 -1.69 4.27
N ILE A 273 2.36 -2.38 4.21
CA ILE A 273 2.60 -3.52 5.14
C ILE A 273 3.54 -3.16 6.26
N ASN A 274 4.13 -1.97 6.24
CA ASN A 274 4.86 -1.40 7.36
C ASN A 274 3.92 -0.38 8.00
N PRO A 275 3.49 -0.58 9.25
CA PRO A 275 2.45 0.31 9.80
CA PRO A 275 2.46 0.28 9.81
C PRO A 275 2.95 1.71 10.08
N TYR A 276 4.24 1.88 10.30
CA TYR A 276 4.86 3.17 10.58
C TYR A 276 6.04 3.37 9.66
N THR A 277 6.30 4.61 9.28
CA THR A 277 7.43 4.90 8.40
C THR A 277 8.72 4.39 9.05
N VAL A 278 9.52 3.72 8.22
CA VAL A 278 10.75 3.11 8.62
C VAL A 278 11.92 3.89 8.06
N LEU A 279 12.87 4.26 8.93
CA LEU A 279 14.01 5.08 8.53
C LEU A 279 15.31 4.35 8.83
N GLU A 280 16.21 4.37 7.87
CA GLU A 280 17.61 3.91 8.12
C GLU A 280 18.15 4.66 9.34
N THR A 281 19.01 4.00 10.12
CA THR A 281 19.36 4.55 11.45
C THR A 281 19.89 5.99 11.41
N SER A 282 20.79 6.31 10.48
CA SER A 282 21.31 7.68 10.49
C SER A 282 20.23 8.71 10.20
N ILE A 283 19.30 8.36 9.31
CA ILE A 283 18.18 9.25 8.98
C ILE A 283 17.25 9.33 10.21
N TYR A 284 16.98 8.18 10.82
CA TYR A 284 16.20 8.12 12.02
C TYR A 284 16.75 9.02 13.11
N LYS A 285 18.06 8.93 13.35
CA LYS A 285 18.70 9.77 14.36
C LYS A 285 18.52 11.24 14.04
N ALA A 286 18.80 11.62 12.80
CA ALA A 286 18.72 13.00 12.39
C ALA A 286 17.29 13.56 12.56
N VAL A 287 16.33 12.81 12.05
CA VAL A 287 14.93 13.21 12.09
C VAL A 287 14.43 13.29 13.52
N THR A 288 14.64 12.24 14.30
CA THR A 288 14.13 12.25 15.67
C THR A 288 14.80 13.34 16.51
N GLU A 289 16.10 13.52 16.37
CA GLU A 289 16.78 14.56 17.15
C GLU A 289 16.26 15.95 16.81
N ALA A 290 16.07 16.24 15.51
CA ALA A 290 15.53 17.52 15.13
C ALA A 290 14.10 17.68 15.61
N PHE A 291 13.30 16.63 15.53
CA PHE A 291 11.91 16.72 15.97
C PHE A 291 11.83 16.98 17.45
N ILE A 292 12.67 16.30 18.22
CA ILE A 292 12.72 16.51 19.68
C ILE A 292 13.10 17.95 19.97
N LYS A 293 14.09 18.48 19.27
CA LYS A 293 14.56 19.87 19.53
C LYS A 293 13.48 20.87 19.18
N GLU A 294 12.84 20.69 18.00
CA GLU A 294 11.80 21.62 17.60
C GLU A 294 10.59 21.53 18.52
N SER A 295 10.25 20.32 18.99
CA SER A 295 9.17 20.16 19.95
C SER A 295 9.51 20.89 21.29
N ALA A 296 10.75 20.73 21.76
CA ALA A 296 11.17 21.40 22.98
C ALA A 296 11.05 22.91 22.85
N ALA A 297 11.31 23.44 21.66
CA ALA A 297 11.18 24.88 21.44
C ALA A 297 9.75 25.39 21.58
N ARG A 298 8.76 24.52 21.46
CA ARG A 298 7.37 24.90 21.71
C ARG A 298 6.83 24.23 22.98
N ASN A 299 7.73 23.92 23.91
CA ASN A 299 7.38 23.46 25.28
C ASN A 299 6.72 22.11 25.32
N ILE A 300 7.08 21.26 24.35
CA ILE A 300 6.64 19.90 24.29
C ILE A 300 7.80 19.02 24.74
N THR A 301 7.72 18.51 25.97
CA THR A 301 8.81 17.78 26.59
C THR A 301 8.86 16.32 26.21
N ARG A 302 10.07 15.83 25.96
CA ARG A 302 10.30 14.42 25.68
C ARG A 302 10.06 13.60 26.94
N VAL A 303 9.37 12.46 26.77
CA VAL A 303 9.11 11.51 27.83
C VAL A 303 9.62 10.13 27.36
N ALA A 304 9.52 9.15 28.24
CA ALA A 304 10.07 7.85 27.96
C ALA A 304 9.49 7.26 26.69
N SER A 305 10.37 6.65 25.90
CA SER A 305 9.95 6.03 24.67
C SER A 305 9.03 4.82 24.93
N VAL A 306 8.08 4.66 24.01
CA VAL A 306 7.15 3.58 24.01
C VAL A 306 7.34 2.78 22.72
N ALA A 307 7.79 1.53 22.82
CA ALA A 307 8.02 0.67 21.65
C ALA A 307 6.73 0.66 20.78
N PRO A 308 6.86 0.77 19.44
CA PRO A 308 8.09 0.71 18.67
C PRO A 308 8.86 2.03 18.42
N PHE A 309 8.44 3.08 19.09
CA PHE A 309 8.88 4.44 18.83
C PHE A 309 10.08 4.81 19.72
N GLY A 310 10.83 5.80 19.32
CA GLY A 310 11.95 6.26 20.06
C GLY A 310 11.92 7.75 20.39
N ALA A 311 10.85 8.44 20.09
CA ALA A 311 10.68 9.86 20.37
C ALA A 311 9.23 10.06 20.76
N CYS A 312 8.99 10.21 22.04
CA CYS A 312 7.69 10.33 22.61
C CYS A 312 7.65 11.56 23.52
N PHE A 313 6.43 12.08 23.70
CA PHE A 313 6.25 13.42 24.24
C PHE A 313 5.05 13.52 25.14
N SER A 314 5.15 14.45 26.12
CA SER A 314 4.01 14.85 26.91
C SER A 314 3.00 15.60 26.06
N THR A 315 1.72 15.42 26.36
CA THR A 315 0.69 16.20 25.71
C THR A 315 0.32 17.49 26.46
N ASP A 316 1.00 17.79 27.57
CA ASP A 316 0.60 18.91 28.45
C ASP A 316 0.34 20.19 27.65
N ASN A 317 1.24 20.49 26.72
CA ASN A 317 1.23 21.76 25.99
C ASN A 317 0.91 21.61 24.54
N ILE A 318 0.36 20.48 24.13
CA ILE A 318 0.00 20.27 22.76
C ILE A 318 -1.42 20.75 22.56
N LEU A 319 -1.61 21.60 21.57
CA LEU A 319 -2.92 22.07 21.16
C LEU A 319 -3.49 21.15 20.06
N SER A 320 -4.81 20.97 20.08
CA SER A 320 -5.49 20.20 19.05
C SER A 320 -5.80 21.21 17.93
N THR A 321 -5.58 20.78 16.69
CA THR A 321 -5.89 21.58 15.53
C THR A 321 -6.67 20.72 14.51
N ARG A 322 -7.21 21.35 13.49
CA ARG A 322 -7.90 20.64 12.43
C ARG A 322 -7.00 19.55 11.79
N LEU A 323 -5.69 19.85 11.75
CA LEU A 323 -4.69 18.99 11.09
C LEU A 323 -3.96 18.09 12.07
N GLY A 324 -4.51 17.95 13.27
CA GLY A 324 -3.95 17.11 14.27
C GLY A 324 -3.22 17.87 15.36
N PRO A 325 -2.53 17.15 16.25
CA PRO A 325 -1.80 17.83 17.30
C PRO A 325 -0.83 18.83 16.71
N SER A 326 -0.68 19.96 17.39
CA SER A 326 0.17 21.04 16.96
C SER A 326 1.65 20.81 17.28
N VAL A 327 2.26 19.94 16.54
CA VAL A 327 3.65 19.56 16.64
C VAL A 327 4.38 20.13 15.44
N PRO A 328 5.70 20.12 15.46
CA PRO A 328 6.45 20.60 14.30
C PRO A 328 6.03 19.88 13.01
N SER A 329 5.97 20.61 11.91
CA SER A 329 5.71 20.03 10.59
C SER A 329 6.93 19.24 10.14
N ILE A 330 6.67 18.25 9.31
CA ILE A 330 7.73 17.53 8.63
C ILE A 330 7.42 17.60 7.13
N ASP A 331 8.39 18.08 6.36
CA ASP A 331 8.26 18.14 4.90
C ASP A 331 9.28 17.22 4.26
N LEU A 332 8.80 16.32 3.39
CA LEU A 332 9.67 15.51 2.55
C LEU A 332 9.76 16.29 1.24
N VAL A 333 10.91 16.87 0.96
CA VAL A 333 11.15 17.69 -0.22
C VAL A 333 11.52 16.78 -1.37
N LEU A 334 10.76 16.96 -2.48
CA LEU A 334 10.86 16.05 -3.62
C LEU A 334 11.70 16.71 -4.72
N GLN A 335 11.18 16.81 -5.94
CA GLN A 335 12.06 17.12 -7.11
C GLN A 335 12.51 18.53 -7.17
N SER A 336 11.83 19.40 -6.46
CA SER A 336 12.29 20.76 -6.31
C SER A 336 11.90 21.22 -4.91
N GLU A 337 12.42 22.35 -4.51
CA GLU A 337 12.12 22.88 -3.20
C GLU A 337 10.66 23.22 -3.02
N SER A 338 9.95 23.44 -4.13
CA SER A 338 8.51 23.73 -4.09
C SER A 338 7.53 22.57 -4.19
N VAL A 339 8.07 21.36 -4.25
CA VAL A 339 7.22 20.16 -4.30
C VAL A 339 7.53 19.34 -3.05
N VAL A 340 6.57 19.31 -2.13
CA VAL A 340 6.79 18.68 -0.85
C VAL A 340 5.61 17.80 -0.46
N TRP A 341 5.91 16.71 0.21
CA TRP A 341 4.95 15.85 0.94
C TRP A 341 4.98 16.36 2.38
N THR A 342 3.89 16.98 2.84
CA THR A 342 3.86 17.55 4.15
CA THR A 342 3.88 17.55 4.18
C THR A 342 3.15 16.65 5.13
N ILE A 343 3.74 16.43 6.28
CA ILE A 343 3.24 15.57 7.31
C ILE A 343 2.85 16.45 8.50
N THR A 344 1.56 16.59 8.73
CA THR A 344 1.04 17.33 9.90
C THR A 344 0.85 16.34 11.05
N GLY A 345 0.41 16.84 12.20
CA GLY A 345 0.36 16.05 13.41
C GLY A 345 -0.53 14.84 13.31
N SER A 346 -1.60 14.89 12.52
CA SER A 346 -2.46 13.79 12.33
C SER A 346 -1.76 12.58 11.72
N ASN A 347 -0.75 12.81 10.89
CA ASN A 347 0.06 11.76 10.27
C ASN A 347 1.40 11.54 10.91
N SER A 348 1.97 12.52 11.62
CA SER A 348 3.25 12.29 12.27
C SER A 348 3.13 11.60 13.60
N MET A 349 2.04 11.84 14.33
CA MET A 349 1.98 11.43 15.72
C MET A 349 1.03 10.26 15.94
N VAL A 350 1.36 9.46 16.93
CA VAL A 350 0.59 8.31 17.36
C VAL A 350 0.31 8.47 18.87
N TYR A 351 -0.94 8.59 19.25
CA TYR A 351 -1.30 8.66 20.67
C TYR A 351 -1.13 7.28 21.34
N ILE A 352 -0.46 7.28 22.49
CA ILE A 352 -0.39 6.12 23.35
C ILE A 352 -1.53 6.17 24.37
N ASN A 353 -1.70 7.34 24.96
CA ASN A 353 -2.81 7.57 25.87
C ASN A 353 -3.00 9.09 25.94
N ASP A 354 -3.85 9.57 26.85
CA ASP A 354 -4.15 11.01 26.93
C ASP A 354 -2.92 11.86 27.20
N ASN A 355 -1.93 11.25 27.85
CA ASN A 355 -0.74 11.95 28.34
C ASN A 355 0.50 11.83 27.48
N VAL A 356 0.49 10.89 26.52
CA VAL A 356 1.71 10.52 25.81
C VAL A 356 1.40 10.34 24.33
N VAL A 357 2.17 11.04 23.50
CA VAL A 357 2.10 10.91 22.05
C VAL A 357 3.48 10.71 21.47
N CYS A 358 3.60 9.84 20.48
CA CYS A 358 4.89 9.50 19.92
C CYS A 358 5.01 9.91 18.46
N LEU A 359 6.23 10.27 18.05
CA LEU A 359 6.51 10.42 16.63
C LEU A 359 6.47 9.03 16.00
N GLY A 360 5.59 8.87 15.02
CA GLY A 360 5.28 7.56 14.46
C GLY A 360 6.22 7.11 13.34
N VAL A 361 7.52 7.12 13.65
CA VAL A 361 8.55 6.59 12.77
C VAL A 361 9.39 5.64 13.59
N VAL A 362 9.97 4.65 12.91
CA VAL A 362 10.73 3.61 13.56
C VAL A 362 12.09 3.45 12.92
N ASP A 363 13.03 2.97 13.71
CA ASP A 363 14.41 2.76 13.28
C ASP A 363 14.51 1.42 12.56
N GLY A 364 14.84 1.44 11.27
CA GLY A 364 15.01 0.25 10.48
C GLY A 364 16.39 -0.38 10.53
N GLY A 365 17.33 0.23 11.23
CA GLY A 365 18.67 -0.28 11.25
C GLY A 365 19.58 0.29 10.20
N SER A 366 20.80 -0.21 10.19
CA SER A 366 21.81 0.30 9.26
CA SER A 366 21.84 0.26 9.27
C SER A 366 21.90 -0.66 8.05
N ASN A 367 22.56 -0.25 6.97
CA ASN A 367 22.64 -1.13 5.78
C ASN A 367 21.27 -1.73 5.35
N LEU A 368 20.29 -0.85 5.18
CA LEU A 368 18.90 -1.21 4.88
C LEU A 368 18.67 -1.10 3.38
N ARG A 369 17.90 -2.04 2.80
CA ARG A 369 17.67 -1.99 1.37
C ARG A 369 17.07 -0.66 0.90
N THR A 370 16.04 -0.15 1.58
CA THR A 370 15.39 1.09 1.22
C THR A 370 15.53 2.02 2.41
N SER A 371 15.97 3.25 2.17
CA SER A 371 16.31 4.17 3.28
C SER A 371 15.12 4.77 4.00
N ILE A 372 14.06 5.11 3.28
CA ILE A 372 12.84 5.66 3.81
C ILE A 372 11.71 4.80 3.25
N VAL A 373 10.91 4.22 4.14
CA VAL A 373 9.72 3.49 3.73
C VAL A 373 8.54 4.21 4.35
N ILE A 374 7.78 4.93 3.53
CA ILE A 374 6.61 5.68 4.00
C ILE A 374 5.52 4.65 4.29
N GLY A 375 5.10 4.55 5.55
CA GLY A 375 4.22 3.51 6.00
C GLY A 375 2.83 3.96 6.30
N GLY A 376 2.02 2.98 6.78
CA GLY A 376 0.59 3.12 6.82
C GLY A 376 0.09 4.35 7.55
N HIS A 377 0.62 4.62 8.77
CA HIS A 377 0.10 5.72 9.53
C HIS A 377 0.24 7.04 8.79
N GLN A 378 1.34 7.17 8.04
CA GLN A 378 1.60 8.38 7.29
C GLN A 378 0.79 8.49 5.98
N LEU A 379 0.11 7.42 5.60
CA LEU A 379 -0.75 7.41 4.43
C LEU A 379 -2.22 7.66 4.80
N GLU A 380 -2.59 7.52 6.06
CA GLU A 380 -3.99 7.60 6.45
C GLU A 380 -4.53 8.99 6.19
N ASP A 381 -5.75 9.06 5.70
CA ASP A 381 -6.40 10.33 5.37
C ASP A 381 -5.67 11.13 4.32
N ASN A 382 -4.84 10.48 3.52
CA ASN A 382 -4.26 11.09 2.33
C ASN A 382 -4.70 10.24 1.15
N LEU A 383 -5.11 10.88 0.07
CA LEU A 383 -5.35 10.18 -1.19
C LEU A 383 -4.02 10.17 -1.95
N VAL A 384 -3.57 8.96 -2.29
CA VAL A 384 -2.33 8.78 -3.02
C VAL A 384 -2.69 8.05 -4.32
N GLN A 385 -2.35 8.66 -5.44
CA GLN A 385 -2.62 8.13 -6.77
C GLN A 385 -1.33 7.66 -7.40
N PHE A 386 -1.37 6.46 -7.97
CA PHE A 386 -0.24 5.86 -8.64
C PHE A 386 -0.63 5.72 -10.11
N ASP A 387 0.06 6.45 -10.97
CA ASP A 387 -0.28 6.50 -12.37
C ASP A 387 0.85 5.84 -13.14
N LEU A 388 0.62 4.58 -13.52
CA LEU A 388 1.63 3.76 -14.17
C LEU A 388 1.72 4.13 -15.66
N ALA A 389 0.68 4.73 -16.22
CA ALA A 389 0.73 5.17 -17.61
C ALA A 389 1.63 6.37 -17.80
N THR A 390 1.66 7.33 -16.87
CA THR A 390 2.39 8.55 -16.96
C THR A 390 3.57 8.57 -15.99
N SER A 391 3.79 7.50 -15.27
CA SER A 391 4.89 7.36 -14.35
C SER A 391 4.94 8.48 -13.34
N ARG A 392 3.86 8.66 -12.61
CA ARG A 392 3.79 9.68 -11.59
C ARG A 392 3.05 9.16 -10.39
N VAL A 393 3.36 9.77 -9.26
CA VAL A 393 2.64 9.58 -8.00
C VAL A 393 2.05 10.93 -7.61
N GLY A 394 0.74 10.96 -7.38
CA GLY A 394 0.05 12.16 -6.93
C GLY A 394 -0.41 12.00 -5.48
N PHE A 395 -0.46 13.09 -4.76
CA PHE A 395 -0.91 13.01 -3.39
C PHE A 395 -1.64 14.27 -2.98
N SER A 396 -2.59 14.11 -2.05
CA SER A 396 -3.47 15.19 -1.66
C SER A 396 -3.01 15.99 -0.43
N GLY A 397 -2.06 15.47 0.35
CA GLY A 397 -1.93 15.90 1.73
C GLY A 397 -3.13 15.44 2.54
N THR A 398 -3.16 15.78 3.83
CA THR A 398 -4.25 15.28 4.62
C THR A 398 -5.58 15.88 4.17
N LEU A 399 -6.56 15.02 4.03
CA LEU A 399 -7.92 15.42 3.70
C LEU A 399 -8.58 16.19 4.85
N LEU A 400 -8.01 16.12 6.05
CA LEU A 400 -8.55 16.88 7.16
CA LEU A 400 -8.53 16.89 7.16
C LEU A 400 -8.53 18.37 6.82
N GLY A 401 -7.58 18.81 5.99
CA GLY A 401 -7.54 20.20 5.58
C GLY A 401 -8.76 20.64 4.80
N SER A 402 -9.50 19.70 4.22
CA SER A 402 -10.72 19.96 3.49
C SER A 402 -11.97 19.52 4.27
N ARG A 403 -11.81 19.24 5.55
CA ARG A 403 -12.94 18.83 6.39
C ARG A 403 -13.60 17.56 5.89
N THR A 404 -12.76 16.61 5.48
CA THR A 404 -13.24 15.27 5.13
C THR A 404 -12.17 14.27 5.60
N THR A 405 -12.42 13.02 5.30
CA THR A 405 -11.54 11.91 5.67
C THR A 405 -11.63 10.84 4.62
N CYS A 406 -10.67 9.93 4.59
CA CYS A 406 -10.75 8.79 3.67
C CYS A 406 -11.96 7.87 3.96
N ALA A 407 -12.43 7.84 5.19
CA ALA A 407 -13.60 7.04 5.57
C ALA A 407 -14.92 7.72 5.16
N ASN A 408 -14.85 8.89 4.55
CA ASN A 408 -16.06 9.60 4.12
C ASN A 408 -16.41 9.35 2.66
N PHE A 409 -15.86 8.33 2.01
CA PHE A 409 -16.39 7.92 0.72
C PHE A 409 -17.77 7.27 0.91
N ASN A 410 -18.67 7.55 -0.05
CA ASN A 410 -20.00 6.93 -0.05
C ASN A 410 -19.95 5.50 -0.61
N PHE A 411 -19.49 4.58 0.24
CA PHE A 411 -19.35 3.16 -0.13
C PHE A 411 -20.49 2.37 0.49
N THR A 412 -21.07 1.47 -0.30
CA THR A 412 -22.07 0.52 0.16
C THR A 412 -21.70 -0.84 -0.39
N SER A 413 -21.63 -1.84 0.48
CA SER A 413 -21.35 -3.20 0.04
C SER A 413 -22.49 -3.76 -0.79
#